data_7YOC
#
_entry.id   7YOC
#
_cell.length_a   71.085
_cell.length_b   116.908
_cell.length_c   139.763
_cell.angle_alpha   90.000
_cell.angle_beta   90.000
_cell.angle_gamma   90.000
#
_symmetry.space_group_name_H-M   'C 2 2 21'
#
loop_
_entity.id
_entity.type
_entity.pdbx_description
1 polymer Fhb7
2 water water
#
_entity_poly.entity_id   1
_entity_poly.type   'polypeptide(L)'
_entity_poly.pdbx_seq_one_letter_code
;GSMATSTSTSTPIIFYDIAQRPPVAETCCAVNPWKSRLALNFKAVPYTTTWVKMPDISSVRASLNVPACRKFADGSDFNT
LPIIHDPATDSLIGDSLDIAAYLQRTYPASGAGDLFPPQKLDYAVGRDMQQLLFPLSEIRASPELADYARFNSNVDAAFT
AHVGLMVHGLPLDPATADVTKAEFVRRAGLSSWDDLEMVGEARDKMMQSLRNMLGDLAALFRKDASGPFLLGQRATYADM
IVGGWLRMMRATLPVSEWQEARACHGAIFGQLHDALDKYAEVK
;
_entity_poly.pdbx_strand_id   A,B
#
# COMPACT_ATOMS: atom_id res chain seq x y z
N THR A 11 -12.49 17.19 4.47
CA THR A 11 -11.26 17.64 5.15
C THR A 11 -10.36 16.80 6.13
N PRO A 12 -10.86 16.03 7.10
CA PRO A 12 -9.91 15.45 8.05
C PRO A 12 -9.10 14.33 7.40
N ILE A 13 -7.86 14.15 7.87
CA ILE A 13 -7.05 13.04 7.38
C ILE A 13 -7.71 11.72 7.75
N ILE A 14 -7.72 10.76 6.83
CA ILE A 14 -8.20 9.41 7.14
C ILE A 14 -7.00 8.54 7.51
N PHE A 15 -7.05 7.96 8.71
CA PHE A 15 -5.98 7.11 9.24
C PHE A 15 -6.53 5.70 9.27
N TYR A 16 -5.94 4.83 8.45
CA TYR A 16 -6.35 3.43 8.40
C TYR A 16 -5.54 2.66 9.44
N ASP A 17 -6.24 2.00 10.38
CA ASP A 17 -5.60 1.30 11.50
C ASP A 17 -6.32 -0.03 11.72
N ILE A 18 -5.64 -0.96 12.38
CA ILE A 18 -6.19 -2.27 12.75
C ILE A 18 -6.42 -2.31 14.26
N ALA A 19 -7.66 -2.54 14.68
CA ALA A 19 -7.98 -2.74 16.09
C ALA A 19 -7.40 -4.04 16.62
N GLN A 20 -6.83 -3.96 17.82
CA GLN A 20 -6.22 -5.10 18.49
C GLN A 20 -7.26 -6.01 19.14
N ARG A 21 -6.90 -7.28 19.24
CA ARG A 21 -7.73 -8.35 19.79
C ARG A 21 -7.01 -9.00 20.96
N PRO A 22 -7.76 -9.49 21.96
CA PRO A 22 -7.11 -10.24 23.05
C PRO A 22 -6.24 -11.34 22.50
N PRO A 23 -5.09 -11.63 23.12
CA PRO A 23 -4.69 -11.21 24.48
C PRO A 23 -4.06 -9.82 24.59
N VAL A 24 -3.89 -9.12 23.47
CA VAL A 24 -3.53 -7.71 23.56
C VAL A 24 -4.57 -7.03 24.45
N ALA A 25 -4.10 -6.27 25.43
CA ALA A 25 -4.98 -5.73 26.46
C ALA A 25 -5.67 -4.45 26.01
N GLU A 26 -5.08 -3.69 25.07
CA GLU A 26 -5.61 -2.41 24.64
C GLU A 26 -6.11 -2.52 23.20
N THR A 27 -7.29 -1.94 22.94
CA THR A 27 -7.90 -2.07 21.62
C THR A 27 -7.12 -1.31 20.55
N CYS A 28 -6.35 -0.30 20.93
CA CYS A 28 -5.55 0.37 19.92
C CYS A 28 -4.08 0.22 20.21
N CYS A 29 -3.42 -0.40 19.23
CA CYS A 29 -2.32 0.16 18.46
C CYS A 29 -1.12 -0.76 18.52
N ALA A 30 -0.87 -1.41 17.38
CA ALA A 30 0.41 -2.04 17.10
C ALA A 30 1.52 -0.98 17.12
N VAL A 31 2.76 -1.45 17.02
CA VAL A 31 3.90 -0.56 17.22
C VAL A 31 3.86 0.59 16.22
N ASN A 32 3.81 0.27 14.94
CA ASN A 32 3.99 1.30 13.92
C ASN A 32 2.78 2.23 13.88
N PRO A 33 1.54 1.72 14.02
CA PRO A 33 0.43 2.66 14.19
C PRO A 33 0.65 3.60 15.37
N TRP A 34 1.23 3.10 16.48
CA TRP A 34 1.52 4.01 17.60
C TRP A 34 2.49 5.11 17.18
N LYS A 35 3.57 4.76 16.46
CA LYS A 35 4.52 5.78 16.00
C LYS A 35 3.81 6.87 15.21
N SER A 36 2.93 6.47 14.29
CA SER A 36 2.22 7.45 13.47
C SER A 36 1.21 8.21 14.30
N ARG A 37 0.50 7.53 15.20
CA ARG A 37 -0.50 8.21 16.03
C ARG A 37 0.16 9.25 16.94
N LEU A 38 1.26 8.89 17.60
CA LEU A 38 2.00 9.90 18.35
C LEU A 38 2.40 11.06 17.46
N ALA A 39 2.78 10.78 16.20
CA ALA A 39 3.19 11.85 15.31
C ALA A 39 2.01 12.73 14.89
N LEU A 40 0.86 12.14 14.58
CA LEU A 40 -0.32 12.94 14.22
C LEU A 40 -0.75 13.83 15.37
N ASN A 41 -0.84 13.29 16.59
CA ASN A 41 -1.28 14.08 17.73
C ASN A 41 -0.30 15.20 18.07
N PHE A 42 1.01 14.93 18.03
CA PHE A 42 2.02 15.98 18.24
C PHE A 42 1.86 17.11 17.22
N LYS A 43 1.49 16.80 16.00
CA LYS A 43 1.36 17.81 14.94
C LYS A 43 0.01 18.50 14.93
N ALA A 44 -0.99 18.02 15.68
CA ALA A 44 -2.27 18.70 15.81
C ALA A 44 -3.02 18.83 14.49
N VAL A 45 -2.72 17.99 13.51
CA VAL A 45 -3.47 17.99 12.27
C VAL A 45 -4.72 17.12 12.45
N PRO A 46 -5.91 17.59 12.10
CA PRO A 46 -7.12 16.80 12.34
C PRO A 46 -7.14 15.49 11.56
N TYR A 47 -7.54 14.42 12.25
CA TYR A 47 -7.62 13.12 11.61
C TYR A 47 -8.63 12.24 12.33
N THR A 48 -9.13 11.24 11.61
CA THR A 48 -10.05 10.28 12.20
C THR A 48 -9.65 8.90 11.71
N THR A 49 -9.85 7.90 12.57
CA THR A 49 -9.45 6.54 12.25
C THR A 49 -10.58 5.79 11.57
N THR A 50 -10.26 5.11 10.48
CA THR A 50 -11.11 4.06 9.94
C THR A 50 -10.49 2.72 10.31
N TRP A 51 -11.24 1.91 11.08
CA TRP A 51 -10.73 0.63 11.53
C TRP A 51 -11.01 -0.42 10.47
N VAL A 52 -9.96 -1.14 10.04
CA VAL A 52 -10.08 -2.13 8.98
C VAL A 52 -9.54 -3.45 9.49
N LYS A 53 -9.97 -4.54 8.84
CA LYS A 53 -9.44 -5.86 9.19
C LYS A 53 -8.36 -6.24 8.19
N LEU A 81 0.73 -2.42 8.70
CA LEU A 81 0.92 -1.18 7.93
C LEU A 81 -0.14 -0.17 8.34
N PRO A 82 0.27 1.01 8.85
CA PRO A 82 -0.61 2.19 8.83
C PRO A 82 -0.52 2.96 7.52
N ILE A 83 -1.67 3.53 7.12
CA ILE A 83 -1.79 4.29 5.88
C ILE A 83 -2.65 5.52 6.16
N ILE A 84 -2.26 6.66 5.60
CA ILE A 84 -3.14 7.83 5.65
C ILE A 84 -3.47 8.29 4.24
N HIS A 85 -4.68 8.82 4.09
CA HIS A 85 -5.06 9.64 2.95
C HIS A 85 -5.31 11.05 3.43
N ASP A 86 -4.62 12.02 2.84
CA ASP A 86 -4.84 13.42 3.19
C ASP A 86 -5.62 14.10 2.07
N PRO A 87 -6.90 14.39 2.24
CA PRO A 87 -7.66 15.04 1.16
C PRO A 87 -7.15 16.43 0.81
N ALA A 88 -6.46 17.11 1.74
CA ALA A 88 -5.96 18.45 1.47
C ALA A 88 -4.88 18.48 0.39
N THR A 89 -4.19 17.37 0.17
CA THR A 89 -3.15 17.31 -0.86
C THR A 89 -3.31 16.12 -1.79
N ASP A 90 -4.39 15.35 -1.66
CA ASP A 90 -4.59 14.10 -2.41
C ASP A 90 -3.46 13.09 -2.17
N SER A 91 -2.87 13.10 -0.99
CA SER A 91 -1.73 12.23 -0.71
C SER A 91 -2.20 10.95 -0.04
N LEU A 92 -1.63 9.82 -0.45
CA LEU A 92 -1.81 8.55 0.24
C LEU A 92 -0.43 8.04 0.63
N ILE A 93 -0.17 7.96 1.92
CA ILE A 93 1.13 7.57 2.47
C ILE A 93 0.95 6.33 3.34
N GLY A 94 1.78 5.31 3.08
CA GLY A 94 1.92 4.14 3.92
C GLY A 94 3.26 4.19 4.62
N ASP A 95 3.39 3.48 5.76
CA ASP A 95 4.60 3.41 6.58
C ASP A 95 4.78 4.63 7.47
N SER A 96 5.12 4.36 8.73
CA SER A 96 5.10 5.37 9.78
C SER A 96 6.16 6.43 9.57
N LEU A 97 7.37 6.04 9.15
CA LEU A 97 8.40 7.04 8.88
C LEU A 97 7.97 7.99 7.75
N ASP A 98 7.37 7.45 6.69
CA ASP A 98 6.93 8.29 5.58
C ASP A 98 5.79 9.19 6.02
N ILE A 99 4.87 8.66 6.84
CA ILE A 99 3.76 9.47 7.32
C ILE A 99 4.28 10.63 8.15
N ALA A 100 5.20 10.36 9.09
CA ALA A 100 5.74 11.43 9.92
C ALA A 100 6.50 12.43 9.06
N ALA A 101 7.34 11.95 8.15
CA ALA A 101 8.05 12.84 7.24
C ALA A 101 7.08 13.66 6.39
N TYR A 102 5.97 13.06 5.96
CA TYR A 102 4.97 13.80 5.19
C TYR A 102 4.36 14.91 6.04
N LEU A 103 4.00 14.59 7.28
CA LEU A 103 3.39 15.58 8.16
C LEU A 103 4.33 16.75 8.41
N GLN A 104 5.60 16.47 8.68
CA GLN A 104 6.54 17.54 8.97
C GLN A 104 6.75 18.43 7.75
N ARG A 105 6.79 17.83 6.58
CA ARG A 105 7.03 18.55 5.33
C ARG A 105 5.79 19.31 4.88
N THR A 106 4.59 18.77 5.12
CA THR A 106 3.37 19.43 4.70
C THR A 106 2.84 20.44 5.71
N TYR A 107 3.05 20.21 7.02
CA TYR A 107 2.57 21.12 8.06
C TYR A 107 3.71 21.48 9.00
N PRO A 108 4.77 22.11 8.49
CA PRO A 108 5.99 22.24 9.30
C PRO A 108 5.82 23.03 10.58
N ALA A 109 4.90 23.99 10.64
CA ALA A 109 4.71 24.79 11.84
C ALA A 109 3.60 24.27 12.76
N SER A 110 2.85 23.27 12.32
CA SER A 110 1.63 22.90 12.99
C SER A 110 1.95 22.13 14.27
N GLY A 111 1.04 22.25 15.25
CA GLY A 111 1.17 21.52 16.51
C GLY A 111 2.40 21.93 17.31
N ALA A 112 2.99 20.96 18.00
CA ALA A 112 4.06 21.15 18.96
C ALA A 112 5.42 21.47 18.35
N GLY A 113 5.56 21.50 17.02
CA GLY A 113 6.82 21.88 16.39
C GLY A 113 7.41 20.92 15.36
N ASP A 114 8.73 20.87 15.30
CA ASP A 114 9.46 20.09 14.31
C ASP A 114 9.62 18.66 14.82
N LEU A 115 9.13 17.68 14.04
CA LEU A 115 9.32 16.26 14.37
C LEU A 115 10.74 15.79 14.10
N PHE A 116 11.49 16.48 13.24
CA PHE A 116 12.79 16.00 12.77
C PHE A 116 13.87 17.09 12.82
N PRO A 117 14.15 17.67 13.99
CA PRO A 117 15.30 18.56 14.09
C PRO A 117 16.59 17.74 14.00
N PRO A 118 17.69 18.35 13.56
CA PRO A 118 18.94 17.62 13.45
C PRO A 118 19.35 17.04 14.80
N GLN A 119 19.93 15.85 14.75
CA GLN A 119 20.12 15.06 15.96
C GLN A 119 21.08 13.90 15.70
N LYS A 120 22.09 13.71 16.56
CA LYS A 120 22.91 12.49 16.53
C LYS A 120 22.17 11.39 17.28
N LEU A 121 21.68 10.39 16.54
CA LEU A 121 20.95 9.28 17.14
C LEU A 121 21.87 8.06 17.17
N ASP A 122 22.92 8.18 17.98
CA ASP A 122 24.02 7.22 17.97
C ASP A 122 23.67 5.98 18.80
N TYR A 123 22.81 5.15 18.23
CA TYR A 123 22.45 3.88 18.83
C TYR A 123 22.64 2.77 17.82
N ALA A 124 23.31 1.70 18.24
CA ALA A 124 23.56 0.54 17.40
C ALA A 124 23.28 -0.72 18.21
N VAL A 125 22.54 -1.66 17.62
CA VAL A 125 22.26 -2.91 18.33
C VAL A 125 23.53 -3.75 18.40
N GLY A 126 23.61 -4.59 19.43
CA GLY A 126 24.68 -5.57 19.51
C GLY A 126 24.60 -6.61 18.41
N ARG A 127 25.69 -7.34 18.23
CA ARG A 127 25.81 -8.26 17.10
C ARG A 127 24.75 -9.36 17.08
N ASP A 128 24.29 -9.81 18.25
CA ASP A 128 23.33 -10.91 18.28
C ASP A 128 21.94 -10.47 17.87
N MET A 129 21.77 -9.20 17.50
CA MET A 129 20.49 -8.65 17.06
C MET A 129 20.56 -8.09 15.65
N GLN A 130 21.72 -8.16 15.00
CA GLN A 130 21.87 -7.52 13.70
C GLN A 130 20.99 -8.15 12.64
N GLN A 131 20.71 -9.46 12.73
CA GLN A 131 19.89 -10.09 11.70
C GLN A 131 18.48 -9.48 11.66
N LEU A 132 18.01 -8.92 12.78
CA LEU A 132 16.69 -8.31 12.80
C LEU A 132 16.69 -6.90 12.20
N LEU A 133 17.85 -6.40 11.74
CA LEU A 133 17.88 -5.07 11.16
C LEU A 133 17.34 -5.04 9.75
N PHE A 134 17.44 -6.16 9.05
CA PHE A 134 17.23 -6.13 7.62
C PHE A 134 15.78 -6.49 7.28
N PRO A 135 15.16 -5.78 6.32
CA PRO A 135 15.78 -4.76 5.47
C PRO A 135 15.74 -3.36 6.05
N LEU A 136 16.79 -2.61 5.79
CA LEU A 136 16.93 -1.30 6.38
C LEU A 136 15.97 -0.29 5.75
N SER A 137 15.64 0.74 6.54
CA SER A 137 14.91 1.96 6.14
C SER A 137 14.11 1.92 4.84
N SER A 142 14.53 12.42 0.87
CA SER A 142 14.62 13.01 2.21
C SER A 142 15.90 12.58 2.95
N PRO A 143 17.07 13.00 2.45
CA PRO A 143 18.35 12.51 3.04
C PRO A 143 18.69 13.13 4.39
N GLU A 144 18.10 14.27 4.77
CA GLU A 144 18.34 14.80 6.11
C GLU A 144 17.74 13.90 7.19
N LEU A 145 16.92 12.92 6.81
CA LEU A 145 16.26 12.04 7.76
C LEU A 145 16.97 10.71 7.93
N ALA A 146 18.13 10.52 7.28
CA ALA A 146 18.77 9.20 7.26
C ALA A 146 19.05 8.70 8.66
N ASP A 147 19.44 9.60 9.56
CA ASP A 147 19.75 9.17 10.92
C ASP A 147 18.50 8.68 11.66
N TYR A 148 17.37 9.37 11.48
CA TYR A 148 16.12 8.91 12.06
C TYR A 148 15.74 7.54 11.50
N ALA A 149 15.96 7.33 10.19
CA ALA A 149 15.62 6.04 9.59
C ALA A 149 16.47 4.91 10.16
N ARG A 150 17.77 5.15 10.34
CA ARG A 150 18.65 4.14 10.91
C ARG A 150 18.29 3.84 12.36
N PHE A 151 17.90 4.87 13.12
CA PHE A 151 17.44 4.68 14.49
C PHE A 151 16.17 3.85 14.53
N ASN A 152 15.23 4.12 13.62
CA ASN A 152 14.03 3.30 13.53
C ASN A 152 14.39 1.83 13.32
N SER A 153 15.36 1.55 12.46
CA SER A 153 15.75 0.17 12.23
C SER A 153 16.35 -0.46 13.49
N ASN A 154 17.15 0.30 14.23
CA ASN A 154 17.82 -0.30 15.39
C ASN A 154 16.88 -0.51 16.56
N VAL A 155 16.01 0.47 16.88
CA VAL A 155 15.02 0.26 17.93
C VAL A 155 14.12 -0.92 17.59
N ASP A 156 13.58 -0.96 16.36
CA ASP A 156 12.75 -2.07 15.94
C ASP A 156 13.47 -3.40 16.14
N ALA A 157 14.75 -3.47 15.78
CA ALA A 157 15.48 -4.73 15.91
C ALA A 157 15.68 -5.08 17.38
N ALA A 158 16.11 -4.09 18.18
CA ALA A 158 16.32 -4.31 19.60
C ALA A 158 15.05 -4.87 20.27
N PHE A 159 13.91 -4.21 20.05
CA PHE A 159 12.68 -4.66 20.70
C PHE A 159 12.16 -5.94 20.08
N THR A 160 12.21 -6.06 18.74
CA THR A 160 11.75 -7.30 18.12
C THR A 160 12.49 -8.50 18.67
N ALA A 161 13.77 -8.34 19.00
CA ALA A 161 14.51 -9.42 19.65
C ALA A 161 13.86 -9.90 20.94
N HIS A 162 12.96 -9.12 21.53
CA HIS A 162 12.32 -9.53 22.78
C HIS A 162 10.82 -9.70 22.65
N VAL A 163 10.26 -9.68 21.42
CA VAL A 163 8.91 -10.19 21.27
C VAL A 163 8.92 -11.65 21.71
N GLY A 164 7.79 -12.17 22.08
CA GLY A 164 7.93 -13.47 22.69
C GLY A 164 7.83 -13.36 24.18
N LEU A 165 8.37 -12.28 24.75
CA LEU A 165 7.85 -11.84 26.04
C LEU A 165 6.41 -11.39 25.88
N MET A 166 6.04 -10.92 24.68
CA MET A 166 4.78 -10.24 24.46
C MET A 166 3.83 -11.05 23.60
N VAL A 167 4.19 -12.29 23.25
CA VAL A 167 3.40 -13.19 22.40
C VAL A 167 2.26 -13.97 23.11
N ALA A 202 6.92 -13.36 29.87
CA ALA A 202 7.50 -14.70 29.73
C ALA A 202 8.77 -14.99 30.62
N ARG A 203 9.85 -15.51 30.01
CA ARG A 203 11.01 -16.09 30.72
C ARG A 203 11.95 -15.06 31.36
N ASP A 204 12.61 -15.51 32.44
CA ASP A 204 13.52 -14.68 33.22
C ASP A 204 14.74 -14.24 32.42
N LYS A 205 15.28 -15.12 31.57
CA LYS A 205 16.50 -14.75 30.86
C LYS A 205 16.20 -13.74 29.78
N MET A 206 15.07 -13.89 29.09
CA MET A 206 14.62 -12.86 28.16
C MET A 206 14.42 -11.52 28.83
N MET A 207 13.81 -11.53 30.03
CA MET A 207 13.62 -10.26 30.73
C MET A 207 14.94 -9.61 31.11
N GLN A 208 15.96 -10.42 31.40
CA GLN A 208 17.27 -9.85 31.65
C GLN A 208 17.85 -9.25 30.38
N SER A 209 17.70 -9.95 29.25
CA SER A 209 18.15 -9.40 27.97
C SER A 209 17.40 -8.12 27.62
N LEU A 210 16.10 -8.06 27.90
CA LEU A 210 15.35 -6.84 27.64
C LEU A 210 15.87 -5.71 28.53
N ARG A 211 16.13 -6.00 29.80
CA ARG A 211 16.67 -4.99 30.70
C ARG A 211 18.03 -4.49 30.21
N ASN A 212 18.88 -5.39 29.72
CA ASN A 212 20.21 -4.97 29.27
C ASN A 212 20.13 -4.09 28.02
N MET A 213 19.29 -4.47 27.05
CA MET A 213 19.05 -3.63 25.87
C MET A 213 18.53 -2.25 26.25
N LEU A 214 17.59 -2.18 27.21
CA LEU A 214 17.12 -0.86 27.64
C LEU A 214 18.23 -0.05 28.29
N GLY A 215 19.14 -0.71 29.01
CA GLY A 215 20.29 -0.02 29.56
C GLY A 215 21.13 0.65 28.48
N ASP A 216 21.36 -0.05 27.38
CA ASP A 216 22.14 0.55 26.29
C ASP A 216 21.37 1.69 25.63
N LEU A 217 20.07 1.49 25.38
CA LEU A 217 19.27 2.57 24.83
C LEU A 217 19.17 3.75 25.80
N ALA A 218 19.28 3.48 27.11
CA ALA A 218 19.12 4.52 28.12
C ALA A 218 20.20 5.60 28.02
N ALA A 219 21.42 5.22 27.60
CA ALA A 219 22.51 6.20 27.51
C ALA A 219 22.12 7.38 26.62
N LEU A 220 21.37 7.14 25.55
CA LEU A 220 20.93 8.25 24.72
C LEU A 220 19.96 9.17 25.45
N PHE A 221 19.16 8.63 26.36
CA PHE A 221 18.17 9.47 27.05
C PHE A 221 18.76 10.19 28.27
N ARG A 222 20.00 9.85 28.65
CA ARG A 222 20.74 10.49 29.71
C ARG A 222 21.61 11.65 29.22
N LYS A 223 21.82 11.78 27.90
CA LYS A 223 22.71 12.81 27.37
C LYS A 223 22.22 14.22 27.70
N ASP A 224 20.91 14.42 27.80
CA ASP A 224 20.31 15.72 28.10
C ASP A 224 19.28 15.48 29.19
N ALA A 225 19.67 15.73 30.45
CA ALA A 225 18.85 15.42 31.62
C ALA A 225 17.93 16.56 32.03
N SER A 226 17.72 17.55 31.17
CA SER A 226 16.70 18.57 31.44
C SER A 226 15.28 18.05 31.26
N GLY A 227 15.11 16.86 30.69
CA GLY A 227 13.79 16.33 30.42
C GLY A 227 13.79 14.88 29.95
N PRO A 228 12.60 14.30 29.85
CA PRO A 228 12.47 12.86 29.57
C PRO A 228 12.71 12.48 28.11
N PHE A 229 12.90 13.45 27.21
CA PHE A 229 13.09 13.18 25.80
C PHE A 229 14.58 13.16 25.47
N LEU A 230 14.89 12.81 24.23
CA LEU A 230 16.30 12.77 23.81
C LEU A 230 16.91 14.16 23.84
N LEU A 231 16.15 15.16 23.42
CA LEU A 231 16.57 16.55 23.47
C LEU A 231 15.94 17.28 24.65
N GLY A 232 15.84 16.62 25.80
CA GLY A 232 15.40 17.28 27.02
C GLY A 232 13.90 17.46 27.14
N GLN A 233 13.45 18.70 27.08
CA GLN A 233 12.02 19.00 27.10
C GLN A 233 11.41 18.98 25.72
N ARG A 234 12.23 18.78 24.68
CA ARG A 234 11.80 18.78 23.29
C ARG A 234 11.62 17.36 22.78
N ALA A 235 10.39 17.00 22.43
CA ALA A 235 10.08 15.69 21.85
C ALA A 235 10.27 15.70 20.33
N THR A 236 10.74 14.57 19.80
CA THR A 236 10.91 14.41 18.35
C THR A 236 10.32 13.07 17.93
N TYR A 237 10.39 12.82 16.62
CA TYR A 237 9.89 11.54 16.12
C TYR A 237 10.70 10.38 16.68
N ALA A 238 11.98 10.61 16.98
CA ALA A 238 12.81 9.56 17.56
C ALA A 238 12.29 9.09 18.92
N ASP A 239 11.79 10.01 19.75
CA ASP A 239 11.19 9.61 21.02
C ASP A 239 9.94 8.79 20.81
N MET A 240 9.24 9.05 19.69
CA MET A 240 8.02 8.34 19.31
C MET A 240 8.32 6.96 18.76
N ILE A 241 9.47 6.80 18.10
CA ILE A 241 9.90 5.47 17.65
C ILE A 241 9.99 4.53 18.83
N VAL A 242 10.62 4.99 19.91
CA VAL A 242 10.72 4.20 21.13
C VAL A 242 9.39 4.13 21.85
N GLY A 243 8.69 5.27 21.95
CA GLY A 243 7.43 5.29 22.68
C GLY A 243 6.39 4.33 22.12
N GLY A 244 6.34 4.19 20.79
CA GLY A 244 5.42 3.23 20.19
C GLY A 244 5.63 1.82 20.71
N TRP A 245 6.90 1.42 20.83
CA TRP A 245 7.21 0.13 21.44
C TRP A 245 6.75 0.06 22.90
N LEU A 246 7.01 1.13 23.66
CA LEU A 246 6.61 1.15 25.07
C LEU A 246 5.11 0.99 25.23
N ARG A 247 4.34 1.76 24.45
CA ARG A 247 2.89 1.62 24.49
C ARG A 247 2.45 0.21 24.19
N MET A 248 3.09 -0.42 23.22
CA MET A 248 2.67 -1.76 22.86
C MET A 248 3.07 -2.75 23.95
N MET A 249 4.23 -2.53 24.59
CA MET A 249 4.64 -3.41 25.69
C MET A 249 3.68 -3.31 26.87
N ARG A 250 3.26 -2.10 27.23
CA ARG A 250 2.29 -1.98 28.29
C ARG A 250 1.05 -2.82 28.02
N ALA A 251 0.67 -2.95 26.75
CA ALA A 251 -0.55 -3.68 26.38
C ALA A 251 -0.34 -5.18 26.24
N THR A 252 0.89 -5.66 26.15
CA THR A 252 1.09 -7.08 25.91
C THR A 252 1.91 -7.79 26.99
N LEU A 253 2.79 -7.10 27.70
CA LEU A 253 3.52 -7.76 28.79
C LEU A 253 2.60 -8.02 29.97
N PRO A 254 2.87 -9.07 30.75
CA PRO A 254 2.30 -9.14 32.11
C PRO A 254 2.65 -7.87 32.88
N VAL A 255 1.71 -7.40 33.71
CA VAL A 255 1.81 -6.08 34.33
C VAL A 255 3.14 -5.92 35.07
N SER A 256 3.57 -6.95 35.81
CA SER A 256 4.80 -6.84 36.58
C SER A 256 6.01 -6.61 35.66
N GLU A 257 6.02 -7.23 34.48
CA GLU A 257 7.18 -7.06 33.59
C GLU A 257 7.18 -5.67 32.96
N TRP A 258 5.99 -5.15 32.61
CA TRP A 258 5.89 -3.76 32.20
C TRP A 258 6.36 -2.83 33.31
N GLN A 259 6.02 -3.16 34.56
CA GLN A 259 6.46 -2.33 35.68
C GLN A 259 7.96 -2.41 35.86
N GLU A 260 8.56 -3.56 35.59
CA GLU A 260 10.02 -3.65 35.59
C GLU A 260 10.63 -2.81 34.47
N ALA A 261 10.15 -3.02 33.23
CA ALA A 261 10.69 -2.26 32.11
C ALA A 261 10.58 -0.77 32.36
N ARG A 262 9.46 -0.34 32.94
CA ARG A 262 9.23 1.09 33.17
C ARG A 262 10.07 1.63 34.31
N ALA A 263 10.59 0.77 35.19
CA ALA A 263 11.37 1.19 36.35
C ALA A 263 12.88 1.04 36.18
N CYS A 264 13.36 0.10 35.35
CA CYS A 264 14.79 -0.19 35.30
C CYS A 264 15.58 1.03 34.81
N HIS A 265 16.89 0.98 35.05
CA HIS A 265 17.86 2.01 34.62
C HIS A 265 17.35 3.43 34.85
N GLY A 266 16.97 3.70 36.10
CA GLY A 266 16.54 5.04 36.48
C GLY A 266 15.15 5.42 36.03
N ALA A 267 14.33 4.44 35.63
CA ALA A 267 12.97 4.70 35.13
C ALA A 267 12.97 5.62 33.92
N ILE A 268 14.06 5.59 33.15
CA ILE A 268 14.19 6.44 31.97
C ILE A 268 13.04 6.19 31.00
N PHE A 269 12.56 4.95 30.91
CA PHE A 269 11.50 4.65 29.96
C PHE A 269 10.11 4.83 30.54
N GLY A 270 9.93 4.73 31.87
CA GLY A 270 8.69 5.19 32.48
C GLY A 270 8.49 6.68 32.31
N GLN A 271 9.55 7.46 32.45
CA GLN A 271 9.46 8.90 32.24
C GLN A 271 9.12 9.22 30.79
N LEU A 272 9.81 8.58 29.84
CA LEU A 272 9.54 8.82 28.44
C LEU A 272 8.10 8.45 28.09
N HIS A 273 7.66 7.28 28.55
CA HIS A 273 6.29 6.86 28.31
C HIS A 273 5.27 7.88 28.84
N ASP A 274 5.43 8.29 30.10
CA ASP A 274 4.51 9.26 30.71
C ASP A 274 4.55 10.60 30.00
N ALA A 275 5.76 11.04 29.60
CA ALA A 275 5.88 12.31 28.88
C ALA A 275 5.14 12.29 27.54
N LEU A 276 4.97 11.12 26.94
CA LEU A 276 4.31 10.98 25.65
C LEU A 276 2.81 10.80 25.79
N ASP A 277 2.33 10.58 27.02
CA ASP A 277 0.89 10.44 27.23
C ASP A 277 0.11 11.55 26.54
N LYS A 278 0.59 12.79 26.60
CA LYS A 278 -0.17 13.88 26.03
C LYS A 278 -0.34 13.75 24.51
N TYR A 279 0.45 12.91 23.84
CA TYR A 279 0.35 12.73 22.40
C TYR A 279 -0.30 11.39 22.01
N ALA A 280 -0.94 10.72 22.98
CA ALA A 280 -1.38 9.35 22.83
C ALA A 280 -2.88 9.17 22.70
N GLU A 281 -3.62 10.23 22.37
CA GLU A 281 -5.06 10.11 22.22
C GLU A 281 -5.42 9.20 21.04
N VAL A 282 -6.37 8.30 21.25
CA VAL A 282 -6.87 7.44 20.18
C VAL A 282 -8.12 8.09 19.59
N LYS A 283 -8.04 8.52 18.33
CA LYS A 283 -9.22 9.09 17.67
C LYS A 283 -9.32 8.62 16.23
N THR B 11 -23.61 2.99 2.42
CA THR B 11 -22.27 3.56 2.50
C THR B 11 -21.28 2.90 1.51
N PRO B 12 -20.93 3.64 0.45
CA PRO B 12 -20.26 3.04 -0.70
C PRO B 12 -18.79 2.69 -0.47
N ILE B 13 -18.31 1.75 -1.29
CA ILE B 13 -16.90 1.42 -1.36
C ILE B 13 -16.11 2.67 -1.76
N ILE B 14 -14.94 2.87 -1.13
CA ILE B 14 -13.99 3.90 -1.54
C ILE B 14 -12.95 3.28 -2.47
N PHE B 15 -12.80 3.86 -3.67
CA PHE B 15 -11.85 3.42 -4.68
C PHE B 15 -10.75 4.47 -4.76
N TYR B 16 -9.53 4.08 -4.40
CA TYR B 16 -8.39 4.98 -4.47
C TYR B 16 -7.73 4.82 -5.84
N ASP B 17 -7.69 5.92 -6.58
CA ASP B 17 -7.26 5.89 -7.96
C ASP B 17 -6.29 7.04 -8.18
N ILE B 18 -5.49 6.94 -9.23
CA ILE B 18 -4.46 7.94 -9.50
C ILE B 18 -5.03 8.91 -10.52
N ALA B 19 -5.22 10.17 -10.09
CA ALA B 19 -5.58 11.20 -11.05
C ALA B 19 -4.34 11.46 -11.91
N GLN B 20 -4.47 11.32 -13.23
CA GLN B 20 -3.31 11.47 -14.10
C GLN B 20 -2.97 12.94 -14.36
N ARG B 21 -1.69 13.21 -14.59
CA ARG B 21 -1.18 14.53 -14.85
C ARG B 21 -0.45 14.55 -16.19
N PRO B 22 -0.43 15.69 -16.90
CA PRO B 22 0.37 15.80 -18.14
C PRO B 22 1.81 15.41 -17.89
N PRO B 23 2.45 14.71 -18.84
CA PRO B 23 2.02 14.53 -20.23
C PRO B 23 1.02 13.41 -20.54
N VAL B 24 0.55 12.64 -19.55
CA VAL B 24 -0.61 11.78 -19.80
C VAL B 24 -1.76 12.65 -20.30
N ALA B 25 -2.44 12.18 -21.35
CA ALA B 25 -3.46 13.02 -21.98
C ALA B 25 -4.82 12.97 -21.28
N GLU B 26 -5.15 11.87 -20.61
CA GLU B 26 -6.46 11.70 -20.00
C GLU B 26 -6.31 11.63 -18.49
N THR B 27 -7.25 12.24 -17.78
CA THR B 27 -7.13 12.37 -16.33
C THR B 27 -7.26 11.04 -15.62
N CYS B 28 -7.99 10.09 -16.21
CA CYS B 28 -8.13 8.83 -15.51
C CYS B 28 -7.62 7.67 -16.33
N CYS B 29 -6.65 6.99 -15.73
CA CYS B 29 -6.64 5.58 -15.39
C CYS B 29 -5.44 4.90 -16.02
N ALA B 30 -4.44 4.63 -15.19
CA ALA B 30 -3.38 3.71 -15.53
C ALA B 30 -3.97 2.33 -15.80
N VAL B 31 -3.15 1.44 -16.34
CA VAL B 31 -3.65 0.13 -16.75
C VAL B 31 -4.34 -0.55 -15.59
N ASN B 32 -3.65 -0.66 -14.44
CA ASN B 32 -4.20 -1.50 -13.38
C ASN B 32 -5.45 -0.90 -12.73
N PRO B 33 -5.54 0.42 -12.53
CA PRO B 33 -6.84 0.97 -12.10
C PRO B 33 -7.98 0.70 -13.10
N TRP B 34 -7.72 0.74 -14.41
CA TRP B 34 -8.77 0.44 -15.37
C TRP B 34 -9.34 -0.95 -15.16
N LYS B 35 -8.45 -1.94 -14.92
CA LYS B 35 -8.89 -3.30 -14.65
C LYS B 35 -9.91 -3.36 -13.50
N SER B 36 -9.61 -2.68 -12.39
CA SER B 36 -10.51 -2.70 -11.24
C SER B 36 -11.76 -1.89 -11.52
N ARG B 37 -11.62 -0.76 -12.20
CA ARG B 37 -12.78 0.06 -12.50
C ARG B 37 -13.77 -0.70 -13.36
N LEU B 38 -13.29 -1.35 -14.43
CA LEU B 38 -14.16 -2.19 -15.25
C LEU B 38 -14.87 -3.24 -14.39
N ALA B 39 -14.14 -3.84 -13.44
CA ALA B 39 -14.74 -4.85 -12.58
C ALA B 39 -15.76 -4.23 -11.63
N LEU B 40 -15.45 -3.06 -11.06
CA LEU B 40 -16.39 -2.39 -10.16
C LEU B 40 -17.68 -2.04 -10.87
N ASN B 41 -17.58 -1.41 -12.06
CA ASN B 41 -18.76 -1.03 -12.83
C ASN B 41 -19.55 -2.27 -13.28
N PHE B 42 -18.83 -3.29 -13.73
CA PHE B 42 -19.43 -4.57 -14.12
C PHE B 42 -20.23 -5.20 -12.99
N LYS B 43 -19.73 -5.09 -11.75
CA LYS B 43 -20.43 -5.69 -10.62
C LYS B 43 -21.53 -4.79 -10.05
N ALA B 44 -21.55 -3.51 -10.41
CA ALA B 44 -22.63 -2.57 -10.03
C ALA B 44 -22.75 -2.40 -8.52
N VAL B 45 -21.65 -2.60 -7.80
CA VAL B 45 -21.61 -2.30 -6.36
C VAL B 45 -21.33 -0.81 -6.20
N PRO B 46 -22.10 -0.09 -5.39
CA PRO B 46 -21.88 1.36 -5.28
C PRO B 46 -20.50 1.69 -4.75
N TYR B 47 -19.86 2.66 -5.40
CA TYR B 47 -18.52 3.07 -5.01
C TYR B 47 -18.31 4.51 -5.47
N THR B 48 -17.34 5.17 -4.85
CA THR B 48 -16.95 6.52 -5.23
C THR B 48 -15.43 6.58 -5.25
N THR B 49 -14.89 7.39 -6.15
CA THR B 49 -13.45 7.47 -6.30
C THR B 49 -12.91 8.59 -5.43
N THR B 50 -11.85 8.27 -4.66
CA THR B 50 -10.98 9.27 -4.05
C THR B 50 -9.68 9.32 -4.86
N TRP B 51 -9.41 10.47 -5.44
CA TRP B 51 -8.25 10.67 -6.31
C TRP B 51 -6.98 10.99 -5.53
N VAL B 52 -5.89 10.29 -5.82
CA VAL B 52 -4.65 10.55 -5.12
C VAL B 52 -3.54 10.87 -6.14
N LYS B 53 -2.49 11.56 -5.64
CA LYS B 53 -1.34 11.96 -6.46
C LYS B 53 -0.22 10.94 -6.39
N LEU B 81 -0.58 1.13 -7.32
CA LEU B 81 -1.64 0.30 -6.75
C LEU B 81 -2.97 1.05 -6.73
N PRO B 82 -4.03 0.44 -7.28
CA PRO B 82 -5.39 0.79 -6.83
C PRO B 82 -5.73 0.04 -5.55
N ILE B 83 -6.54 0.69 -4.71
CA ILE B 83 -6.93 0.16 -3.40
C ILE B 83 -8.40 0.42 -3.21
N ILE B 84 -9.13 -0.52 -2.61
CA ILE B 84 -10.50 -0.27 -2.17
C ILE B 84 -10.62 -0.40 -0.65
N HIS B 85 -11.48 0.44 -0.07
CA HIS B 85 -12.00 0.23 1.28
C HIS B 85 -13.49 -0.08 1.17
N ASP B 86 -13.90 -1.24 1.65
CA ASP B 86 -15.32 -1.59 1.68
C ASP B 86 -15.84 -1.51 3.11
N PRO B 87 -16.62 -0.49 3.45
CA PRO B 87 -17.16 -0.39 4.83
C PRO B 87 -18.05 -1.56 5.21
N ALA B 88 -18.71 -2.21 4.24
CA ALA B 88 -19.60 -3.32 4.56
C ALA B 88 -18.87 -4.50 5.16
N THR B 89 -17.56 -4.63 4.94
CA THR B 89 -16.77 -5.73 5.51
C THR B 89 -15.56 -5.24 6.28
N ASP B 90 -15.32 -3.92 6.36
CA ASP B 90 -14.12 -3.35 6.94
C ASP B 90 -12.85 -3.83 6.24
N SER B 91 -12.93 -4.06 4.93
CA SER B 91 -11.82 -4.59 4.17
C SER B 91 -11.02 -3.47 3.52
N LEU B 92 -9.70 -3.64 3.48
CA LEU B 92 -8.79 -2.83 2.66
C LEU B 92 -8.08 -3.79 1.72
N ILE B 93 -8.35 -3.69 0.42
CA ILE B 93 -7.81 -4.60 -0.57
C ILE B 93 -7.00 -3.78 -1.56
N GLY B 94 -5.75 -4.19 -1.79
CA GLY B 94 -4.94 -3.62 -2.84
C GLY B 94 -4.66 -4.58 -3.98
N ASP B 95 -4.36 -4.04 -5.17
CA ASP B 95 -4.05 -4.78 -6.40
C ASP B 95 -5.31 -5.28 -7.11
N SER B 96 -5.32 -5.15 -8.45
CA SER B 96 -6.56 -5.31 -9.21
C SER B 96 -7.07 -6.74 -9.20
N LEU B 97 -6.19 -7.73 -9.33
CA LEU B 97 -6.66 -9.11 -9.25
C LEU B 97 -7.32 -9.38 -7.89
N ASP B 98 -6.74 -8.87 -6.81
CA ASP B 98 -7.30 -9.10 -5.49
C ASP B 98 -8.63 -8.38 -5.33
N ILE B 99 -8.71 -7.15 -5.83
CA ILE B 99 -9.94 -6.39 -5.74
C ILE B 99 -11.06 -7.10 -6.49
N ALA B 100 -10.78 -7.54 -7.73
CA ALA B 100 -11.80 -8.24 -8.51
C ALA B 100 -12.21 -9.56 -7.85
N ALA B 101 -11.22 -10.34 -7.39
CA ALA B 101 -11.55 -11.58 -6.68
C ALA B 101 -12.39 -11.29 -5.44
N TYR B 102 -12.13 -10.16 -4.77
CA TYR B 102 -12.92 -9.79 -3.58
C TYR B 102 -14.38 -9.52 -3.94
N LEU B 103 -14.62 -8.77 -5.02
CA LEU B 103 -15.99 -8.45 -5.41
C LEU B 103 -16.76 -9.70 -5.79
N GLN B 104 -16.11 -10.63 -6.51
CA GLN B 104 -16.80 -11.84 -6.90
C GLN B 104 -17.16 -12.69 -5.68
N ARG B 105 -16.27 -12.71 -4.66
CA ARG B 105 -16.53 -13.52 -3.46
C ARG B 105 -17.61 -12.88 -2.59
N THR B 106 -17.61 -11.56 -2.48
CA THR B 106 -18.49 -10.84 -1.57
C THR B 106 -19.84 -10.53 -2.21
N TYR B 107 -19.85 -10.23 -3.51
CA TYR B 107 -21.08 -9.89 -4.22
C TYR B 107 -21.24 -10.74 -5.48
N PRO B 108 -21.30 -12.07 -5.33
CA PRO B 108 -21.28 -12.93 -6.52
C PRO B 108 -22.45 -12.71 -7.47
N ALA B 109 -23.61 -12.29 -6.97
CA ALA B 109 -24.80 -12.13 -7.80
C ALA B 109 -24.98 -10.72 -8.33
N SER B 110 -24.14 -9.78 -7.90
CA SER B 110 -24.35 -8.38 -8.20
C SER B 110 -23.94 -8.04 -9.63
N GLY B 111 -24.62 -7.04 -10.19
CA GLY B 111 -24.22 -6.52 -11.48
C GLY B 111 -24.35 -7.53 -12.60
N ALA B 112 -23.39 -7.50 -13.52
CA ALA B 112 -23.54 -8.27 -14.74
C ALA B 112 -23.26 -9.76 -14.57
N GLY B 113 -22.82 -10.23 -13.41
CA GLY B 113 -22.64 -11.66 -13.23
C GLY B 113 -21.29 -12.09 -12.68
N ASP B 114 -20.82 -13.24 -13.14
CA ASP B 114 -19.60 -13.86 -12.60
C ASP B 114 -18.39 -13.26 -13.30
N LEU B 115 -17.48 -12.69 -12.49
CA LEU B 115 -16.23 -12.16 -13.02
C LEU B 115 -15.26 -13.27 -13.41
N PHE B 116 -15.39 -14.47 -12.83
CA PHE B 116 -14.38 -15.51 -12.95
C PHE B 116 -15.00 -16.87 -13.24
N PRO B 117 -15.76 -17.01 -14.32
CA PRO B 117 -16.21 -18.34 -14.70
C PRO B 117 -15.02 -19.16 -15.16
N PRO B 118 -15.06 -20.48 -15.00
CA PRO B 118 -13.91 -21.29 -15.43
C PRO B 118 -13.59 -21.11 -16.90
N GLN B 119 -12.31 -21.08 -17.21
CA GLN B 119 -11.88 -20.65 -18.54
C GLN B 119 -10.47 -21.15 -18.77
N LYS B 120 -10.28 -21.89 -19.86
CA LYS B 120 -8.95 -22.19 -20.37
C LYS B 120 -8.53 -20.94 -21.11
N LEU B 121 -7.59 -20.19 -20.55
CA LEU B 121 -7.20 -18.93 -21.15
C LEU B 121 -5.86 -19.08 -21.87
N ASP B 122 -5.78 -19.92 -22.89
CA ASP B 122 -4.46 -20.37 -23.34
C ASP B 122 -3.70 -19.31 -24.15
N TYR B 123 -3.04 -18.40 -23.43
CA TYR B 123 -2.15 -17.42 -24.05
C TYR B 123 -0.78 -17.46 -23.36
N ALA B 124 0.27 -17.56 -24.15
CA ALA B 124 1.62 -17.56 -23.61
C ALA B 124 2.48 -16.62 -24.44
N VAL B 125 3.26 -15.81 -23.76
CA VAL B 125 4.11 -14.81 -24.40
C VAL B 125 5.32 -15.48 -25.07
N GLY B 126 5.79 -14.87 -26.16
CA GLY B 126 6.99 -15.37 -26.82
C GLY B 126 8.24 -15.18 -25.97
N ARG B 127 9.29 -15.94 -26.31
CA ARG B 127 10.46 -16.00 -25.44
C ARG B 127 11.15 -14.65 -25.29
N ASP B 128 11.02 -13.76 -26.27
CA ASP B 128 11.68 -12.47 -26.18
C ASP B 128 10.98 -11.52 -25.21
N MET B 129 9.85 -11.92 -24.64
CA MET B 129 9.14 -11.07 -23.69
C MET B 129 9.03 -11.70 -22.32
N GLN B 130 9.60 -12.89 -22.11
CA GLN B 130 9.42 -13.60 -20.84
C GLN B 130 10.07 -12.85 -19.68
N GLN B 131 11.12 -12.07 -19.93
CA GLN B 131 11.77 -11.33 -18.85
C GLN B 131 10.80 -10.33 -18.19
N LEU B 132 9.77 -9.89 -18.90
CA LEU B 132 8.78 -9.00 -18.33
C LEU B 132 7.70 -9.73 -17.54
N LEU B 133 7.76 -11.06 -17.46
CA LEU B 133 6.78 -11.81 -16.67
C LEU B 133 7.07 -11.74 -15.18
N PHE B 134 8.31 -11.49 -14.79
CA PHE B 134 8.70 -11.66 -13.40
C PHE B 134 8.51 -10.34 -12.65
N PRO B 135 7.89 -10.37 -11.44
CA PRO B 135 7.40 -11.53 -10.69
C PRO B 135 5.97 -11.94 -11.04
N LEU B 136 5.68 -13.23 -11.04
CA LEU B 136 4.35 -13.65 -11.46
C LEU B 136 3.28 -13.30 -10.42
N SER B 137 2.06 -13.08 -10.91
CA SER B 137 0.89 -12.79 -10.06
C SER B 137 0.48 -13.99 -9.21
N SER B 142 -6.79 -18.60 -3.23
CA SER B 142 -7.79 -18.65 -4.30
C SER B 142 -7.25 -19.40 -5.52
N PRO B 143 -7.04 -20.71 -5.38
CA PRO B 143 -6.38 -21.48 -6.47
C PRO B 143 -7.24 -21.70 -7.70
N GLU B 144 -8.56 -21.58 -7.61
CA GLU B 144 -9.39 -21.70 -8.81
C GLU B 144 -9.18 -20.53 -9.78
N LEU B 145 -8.47 -19.48 -9.36
CA LEU B 145 -8.22 -18.27 -10.13
C LEU B 145 -6.87 -18.25 -10.82
N ALA B 146 -6.11 -19.35 -10.72
CA ALA B 146 -4.72 -19.39 -11.18
C ALA B 146 -4.58 -19.07 -12.68
N ASP B 147 -5.52 -19.53 -13.52
CA ASP B 147 -5.43 -19.23 -14.95
C ASP B 147 -5.58 -17.73 -15.21
N TYR B 148 -6.50 -17.07 -14.50
CA TYR B 148 -6.64 -15.63 -14.61
C TYR B 148 -5.37 -14.91 -14.16
N ALA B 149 -4.72 -15.42 -13.11
CA ALA B 149 -3.48 -14.80 -12.63
C ALA B 149 -2.35 -14.96 -13.65
N ARG B 150 -2.23 -16.14 -14.26
CA ARG B 150 -1.22 -16.34 -15.30
C ARG B 150 -1.52 -15.47 -16.51
N PHE B 151 -2.81 -15.38 -16.89
CA PHE B 151 -3.18 -14.55 -18.01
C PHE B 151 -2.84 -13.10 -17.75
N ASN B 152 -3.08 -12.64 -16.52
CA ASN B 152 -2.69 -11.29 -16.17
C ASN B 152 -1.20 -11.06 -16.40
N SER B 153 -0.36 -12.02 -16.01
CA SER B 153 1.09 -11.82 -16.17
C SER B 153 1.47 -11.75 -17.63
N ASN B 154 0.85 -12.59 -18.46
CA ASN B 154 1.26 -12.66 -19.86
C ASN B 154 0.81 -11.44 -20.61
N VAL B 155 -0.45 -11.02 -20.41
CA VAL B 155 -0.94 -9.80 -21.05
C VAL B 155 -0.08 -8.61 -20.64
N ASP B 156 0.14 -8.44 -19.33
CA ASP B 156 0.99 -7.35 -18.87
C ASP B 156 2.37 -7.38 -19.52
N ALA B 157 2.94 -8.59 -19.70
CA ALA B 157 4.26 -8.69 -20.32
C ALA B 157 4.19 -8.30 -21.80
N ALA B 158 3.21 -8.83 -22.53
CA ALA B 158 3.07 -8.53 -23.94
C ALA B 158 2.97 -7.01 -24.17
N PHE B 159 2.06 -6.34 -23.45
CA PHE B 159 1.89 -4.91 -23.69
C PHE B 159 3.06 -4.11 -23.17
N THR B 160 3.59 -4.45 -21.99
CA THR B 160 4.74 -3.71 -21.47
C THR B 160 5.91 -3.75 -22.43
N ALA B 161 6.08 -4.86 -23.15
CA ALA B 161 7.10 -4.93 -24.18
C ALA B 161 6.95 -3.84 -25.24
N HIS B 162 5.78 -3.20 -25.33
CA HIS B 162 5.56 -2.16 -26.32
C HIS B 162 5.27 -0.81 -25.70
N VAL B 163 5.42 -0.66 -24.37
CA VAL B 163 5.51 0.69 -23.85
C VAL B 163 6.75 1.31 -24.49
N GLY B 164 6.81 2.62 -24.45
CA GLY B 164 7.91 3.18 -25.22
C GLY B 164 7.33 3.76 -26.49
N LEU B 165 6.37 3.06 -27.08
CA LEU B 165 5.40 3.74 -27.92
C LEU B 165 4.58 4.73 -27.11
N MET B 166 4.41 4.47 -25.80
CA MET B 166 3.45 5.18 -24.99
C MET B 166 4.05 6.13 -23.96
N VAL B 167 5.37 6.23 -23.86
CA VAL B 167 5.92 7.19 -22.88
C VAL B 167 6.02 8.60 -23.45
N HIS B 168 5.70 8.78 -24.73
CA HIS B 168 5.58 10.11 -25.33
C HIS B 168 4.63 10.08 -26.53
N GLU B 201 12.64 3.64 -39.20
CA GLU B 201 12.42 4.22 -37.88
C GLU B 201 12.12 3.11 -36.88
N ALA B 202 12.62 3.27 -35.64
CA ALA B 202 12.35 2.29 -34.60
C ALA B 202 10.86 2.22 -34.25
N ARG B 203 10.13 3.31 -34.44
CA ARG B 203 8.74 3.35 -34.04
C ARG B 203 7.91 2.46 -34.97
N ASP B 204 8.26 2.46 -36.25
CA ASP B 204 7.58 1.60 -37.21
C ASP B 204 7.79 0.13 -36.85
N LYS B 205 9.00 -0.23 -36.38
CA LYS B 205 9.28 -1.61 -36.05
C LYS B 205 8.56 -2.03 -34.77
N MET B 206 8.56 -1.16 -33.76
CA MET B 206 7.78 -1.44 -32.57
C MET B 206 6.30 -1.58 -32.91
N MET B 207 5.81 -0.73 -33.81
CA MET B 207 4.41 -0.81 -34.23
C MET B 207 4.11 -2.14 -34.90
N GLN B 208 5.07 -2.65 -35.66
CA GLN B 208 4.91 -3.98 -36.25
C GLN B 208 4.95 -5.05 -35.17
N SER B 209 5.85 -4.90 -34.20
CA SER B 209 5.90 -5.85 -33.10
C SER B 209 4.59 -5.84 -32.31
N LEU B 210 4.00 -4.65 -32.09
CA LEU B 210 2.72 -4.58 -31.40
C LEU B 210 1.62 -5.23 -32.21
N ARG B 211 1.60 -4.96 -33.52
CA ARG B 211 0.63 -5.57 -34.40
C ARG B 211 0.77 -7.08 -34.37
N ASN B 212 1.99 -7.59 -34.35
CA ASN B 212 2.18 -9.04 -34.29
C ASN B 212 1.72 -9.59 -32.95
N MET B 213 2.07 -8.92 -31.85
CA MET B 213 1.60 -9.38 -30.54
C MET B 213 0.07 -9.42 -30.48
N LEU B 214 -0.60 -8.39 -30.98
CA LEU B 214 -2.06 -8.41 -31.00
C LEU B 214 -2.58 -9.52 -31.90
N GLY B 215 -1.83 -9.87 -32.96
CA GLY B 215 -2.20 -11.00 -33.79
C GLY B 215 -2.26 -12.30 -33.00
N ASP B 216 -1.26 -12.54 -32.14
CA ASP B 216 -1.26 -13.74 -31.31
C ASP B 216 -2.38 -13.70 -30.27
N LEU B 217 -2.53 -12.55 -29.59
CA LEU B 217 -3.61 -12.41 -28.62
C LEU B 217 -4.98 -12.50 -29.27
N ALA B 218 -5.09 -12.16 -30.56
CA ALA B 218 -6.38 -12.16 -31.23
C ALA B 218 -6.98 -13.56 -31.31
N ALA B 219 -6.13 -14.58 -31.41
CA ALA B 219 -6.61 -15.97 -31.52
C ALA B 219 -7.50 -16.39 -30.37
N LEU B 220 -7.26 -15.89 -29.16
CA LEU B 220 -8.13 -16.22 -28.03
C LEU B 220 -9.53 -15.65 -28.25
N PHE B 221 -9.60 -14.48 -28.85
CA PHE B 221 -10.87 -13.77 -29.06
C PHE B 221 -11.61 -14.23 -30.29
N ARG B 222 -10.99 -15.11 -31.08
CA ARG B 222 -11.64 -15.73 -32.23
C ARG B 222 -12.26 -17.09 -31.93
N LYS B 223 -11.94 -17.69 -30.77
CA LYS B 223 -12.47 -19.02 -30.46
C LYS B 223 -13.99 -19.01 -30.39
N ASP B 224 -14.58 -17.89 -29.98
CA ASP B 224 -16.03 -17.74 -29.82
C ASP B 224 -16.42 -16.44 -30.54
N ALA B 225 -16.92 -16.59 -31.77
CA ALA B 225 -17.22 -15.45 -32.63
C ALA B 225 -18.66 -14.95 -32.48
N SER B 226 -19.39 -15.44 -31.48
CA SER B 226 -20.71 -14.88 -31.21
C SER B 226 -20.65 -13.51 -30.54
N GLY B 227 -19.47 -13.05 -30.11
CA GLY B 227 -19.36 -11.78 -29.44
C GLY B 227 -17.91 -11.37 -29.25
N PRO B 228 -17.71 -10.10 -28.85
CA PRO B 228 -16.36 -9.52 -28.82
C PRO B 228 -15.51 -9.93 -27.63
N PHE B 229 -16.10 -10.64 -26.66
CA PHE B 229 -15.42 -11.09 -25.46
C PHE B 229 -14.91 -12.50 -25.65
N LEU B 230 -14.12 -12.99 -24.67
CA LEU B 230 -13.53 -14.31 -24.81
C LEU B 230 -14.59 -15.40 -24.83
N LEU B 231 -15.62 -15.27 -23.99
CA LEU B 231 -16.75 -16.20 -23.97
C LEU B 231 -17.94 -15.65 -24.73
N GLY B 232 -17.67 -14.96 -25.85
CA GLY B 232 -18.70 -14.51 -26.76
C GLY B 232 -19.36 -13.21 -26.34
N GLN B 233 -20.66 -13.27 -26.01
CA GLN B 233 -21.41 -12.13 -25.52
C GLN B 233 -21.28 -11.96 -24.01
N ARG B 234 -20.57 -12.87 -23.36
CA ARG B 234 -20.36 -12.88 -21.92
C ARG B 234 -18.98 -12.31 -21.58
N ALA B 235 -18.95 -11.17 -20.87
CA ALA B 235 -17.69 -10.56 -20.44
C ALA B 235 -17.22 -11.12 -19.08
N THR B 236 -15.89 -11.28 -18.94
CA THR B 236 -15.25 -11.77 -17.73
C THR B 236 -14.11 -10.84 -17.33
N TYR B 237 -13.47 -11.14 -16.19
CA TYR B 237 -12.34 -10.31 -15.77
C TYR B 237 -11.18 -10.40 -16.75
N ALA B 238 -11.03 -11.54 -17.44
CA ALA B 238 -9.96 -11.69 -18.41
C ALA B 238 -10.07 -10.66 -19.54
N ASP B 239 -11.30 -10.34 -20.00
CA ASP B 239 -11.46 -9.28 -20.99
C ASP B 239 -11.06 -7.93 -20.42
N MET B 240 -11.21 -7.72 -19.11
CA MET B 240 -10.81 -6.43 -18.54
C MET B 240 -9.30 -6.33 -18.36
N ILE B 241 -8.61 -7.44 -18.16
CA ILE B 241 -7.15 -7.42 -18.17
C ILE B 241 -6.64 -6.84 -19.49
N VAL B 242 -7.19 -7.32 -20.62
CA VAL B 242 -6.80 -6.78 -21.90
C VAL B 242 -7.38 -5.38 -22.08
N GLY B 243 -8.68 -5.22 -21.78
CA GLY B 243 -9.34 -3.94 -21.98
C GLY B 243 -8.67 -2.81 -21.22
N GLY B 244 -8.20 -3.07 -20.00
CA GLY B 244 -7.50 -2.02 -19.26
C GLY B 244 -6.31 -1.46 -20.03
N TRP B 245 -5.52 -2.33 -20.67
CA TRP B 245 -4.40 -1.87 -21.47
C TRP B 245 -4.89 -1.06 -22.66
N LEU B 246 -5.94 -1.52 -23.34
CA LEU B 246 -6.50 -0.79 -24.47
C LEU B 246 -6.90 0.63 -24.08
N ARG B 247 -7.57 0.79 -22.94
CA ARG B 247 -8.02 2.11 -22.52
C ARG B 247 -6.87 3.10 -22.39
N MET B 248 -5.77 2.69 -21.79
CA MET B 248 -4.72 3.69 -21.64
C MET B 248 -3.97 3.88 -22.94
N MET B 249 -3.96 2.85 -23.80
CA MET B 249 -3.40 3.02 -25.13
C MET B 249 -4.15 4.09 -25.92
N ARG B 250 -5.49 4.02 -25.91
CA ARG B 250 -6.27 5.08 -26.54
C ARG B 250 -5.89 6.44 -25.97
N ALA B 251 -5.51 6.48 -24.70
CA ALA B 251 -5.22 7.75 -24.05
C ALA B 251 -3.79 8.21 -24.23
N THR B 252 -2.87 7.34 -24.61
CA THR B 252 -1.47 7.73 -24.71
C THR B 252 -0.81 7.47 -26.06
N LEU B 253 -1.31 6.56 -26.88
CA LEU B 253 -0.70 6.42 -28.20
C LEU B 253 -1.03 7.65 -29.05
N PRO B 254 -0.16 7.99 -29.99
CA PRO B 254 -0.60 8.85 -31.09
C PRO B 254 -1.83 8.25 -31.74
N VAL B 255 -2.75 9.13 -32.16
CA VAL B 255 -4.07 8.69 -32.62
C VAL B 255 -3.94 7.65 -33.73
N SER B 256 -3.06 7.89 -34.71
CA SER B 256 -2.98 6.96 -35.83
C SER B 256 -2.59 5.56 -35.36
N GLU B 257 -1.71 5.48 -34.36
CA GLU B 257 -1.28 4.18 -33.88
C GLU B 257 -2.37 3.48 -33.06
N TRP B 258 -3.13 4.26 -32.26
CA TRP B 258 -4.28 3.67 -31.60
C TRP B 258 -5.31 3.18 -32.62
N GLN B 259 -5.57 3.98 -33.66
CA GLN B 259 -6.56 3.57 -34.68
C GLN B 259 -6.09 2.34 -35.43
N GLU B 260 -4.78 2.20 -35.62
CA GLU B 260 -4.24 0.97 -36.19
C GLU B 260 -4.44 -0.22 -35.25
N ALA B 261 -4.02 -0.09 -33.98
CA ALA B 261 -4.16 -1.18 -33.03
C ALA B 261 -5.62 -1.59 -32.89
N ARG B 262 -6.51 -0.62 -32.86
CA ARG B 262 -7.93 -0.95 -32.73
C ARG B 262 -8.48 -1.58 -34.00
N ALA B 263 -7.82 -1.40 -35.14
CA ALA B 263 -8.31 -1.93 -36.43
C ALA B 263 -7.64 -3.22 -36.85
N CYS B 264 -6.41 -3.48 -36.41
CA CYS B 264 -5.74 -4.63 -36.96
C CYS B 264 -6.46 -5.95 -36.58
N HIS B 265 -6.12 -6.99 -37.35
CA HIS B 265 -6.64 -8.34 -37.18
C HIS B 265 -8.15 -8.36 -36.99
N GLY B 266 -8.82 -7.73 -37.95
CA GLY B 266 -10.26 -7.76 -37.96
C GLY B 266 -10.92 -6.85 -36.96
N ALA B 267 -10.20 -5.85 -36.44
CA ALA B 267 -10.72 -4.95 -35.42
C ALA B 267 -11.20 -5.71 -34.16
N ILE B 268 -10.59 -6.87 -33.89
CA ILE B 268 -10.94 -7.65 -32.71
C ILE B 268 -10.79 -6.84 -31.44
N PHE B 269 -9.78 -5.97 -31.38
CA PHE B 269 -9.50 -5.18 -30.18
C PHE B 269 -10.24 -3.85 -30.18
N GLY B 270 -10.56 -3.29 -31.35
CA GLY B 270 -11.53 -2.20 -31.38
C GLY B 270 -12.88 -2.68 -30.89
N GLN B 271 -13.27 -3.89 -31.28
CA GLN B 271 -14.55 -4.44 -30.84
C GLN B 271 -14.58 -4.66 -29.33
N LEU B 272 -13.51 -5.26 -28.77
CA LEU B 272 -13.48 -5.51 -27.31
C LEU B 272 -13.56 -4.21 -26.54
N HIS B 273 -12.75 -3.23 -26.93
CA HIS B 273 -12.75 -1.92 -26.29
C HIS B 273 -14.14 -1.27 -26.30
N ASP B 274 -14.80 -1.25 -27.46
CA ASP B 274 -16.14 -0.67 -27.58
C ASP B 274 -17.15 -1.43 -26.72
N ALA B 275 -17.06 -2.76 -26.71
CA ALA B 275 -17.94 -3.56 -25.87
C ALA B 275 -17.73 -3.26 -24.39
N LEU B 276 -16.55 -2.79 -24.02
CA LEU B 276 -16.27 -2.50 -22.62
C LEU B 276 -16.63 -1.07 -22.24
N ASP B 277 -16.98 -0.23 -23.23
CA ASP B 277 -17.43 1.13 -22.92
C ASP B 277 -18.50 1.14 -21.82
N LYS B 278 -19.45 0.19 -21.89
CA LYS B 278 -20.55 0.21 -20.94
C LYS B 278 -20.07 -0.01 -19.50
N TYR B 279 -18.86 -0.53 -19.30
CA TYR B 279 -18.32 -0.73 -17.96
C TYR B 279 -17.22 0.26 -17.63
N ALA B 280 -17.09 1.34 -18.42
CA ALA B 280 -15.92 2.22 -18.32
C ALA B 280 -16.25 3.58 -17.71
N GLU B 281 -17.41 3.70 -17.06
CA GLU B 281 -17.77 4.98 -16.48
C GLU B 281 -16.78 5.35 -15.37
N VAL B 282 -16.33 6.59 -15.37
CA VAL B 282 -15.48 7.12 -14.29
C VAL B 282 -16.42 7.81 -13.29
N LYS B 283 -16.55 7.25 -12.09
CA LYS B 283 -17.44 7.84 -11.06
C LYS B 283 -16.84 7.83 -9.65
#